data_4Y2O
#
_entry.id   4Y2O
#
_cell.length_a   129.192
_cell.length_b   129.192
_cell.length_c   73.271
_cell.angle_alpha   90.00
_cell.angle_beta   90.00
_cell.angle_gamma   120.00
#
_symmetry.space_group_name_H-M   'H 3'
#
loop_
_entity.id
_entity.type
_entity.pdbx_description
1 polymer 'CfA/I fimbrial subunit A (Colonization factor antigen subunit A putative chaperone)'
2 polymer 'CFA/I fimbrial subunit B'
3 non-polymer 'TRIETHYLENE GLYCOL'
4 non-polymer 'NICKEL (II) ION'
5 water water
#
loop_
_entity_poly.entity_id
_entity_poly.type
_entity_poly.pdbx_seq_one_letter_code
_entity_poly.pdbx_strand_id
1 'polypeptide(L)'
;MANFMIYPISKDLKNGNSELVRVYSKSKEIQYIKIYTKKIINPGTTEEYEVDIPNWDGGLVVTPQKVILPAGASKSIRLT
QFKIPKKEEVYRVYFEAVKPDSKENVIDNKKLTIELSVNIIYAALIRSLPSEQNISLNISRNAKKNIIIYNNGNVRAGVK
DIYFCKSSNIDDNCVKKAYNKNIYPEKSFDTLVNNNFSYVFIKLNHEGIEKEQGLIQLKVPAAWSHPQFEK
;
A
2 'polypeptide(L)'
;MVHHHHHHVIDLLQADGNALPSAVKLAYSPASKTFESYRVMTQVHTNADAKKVIVKLADTPQATDVLNSTVQMPISVSWG
GQVLSTTAKEFEAAALGYSASGVNGVSSSQELVISAAPKTAGTAPTAGNYSGVVSLVMTLGS
;
B
#
# COMPACT_ATOMS: atom_id res chain seq x y z
N ASN A 3 1.93 -10.32 -15.83
CA ASN A 3 1.88 -8.90 -16.11
C ASN A 3 0.47 -8.41 -16.33
N PHE A 4 0.00 -7.57 -15.43
CA PHE A 4 -1.38 -7.17 -15.42
C PHE A 4 -1.61 -5.95 -14.56
N MET A 5 -2.84 -5.50 -14.50
CA MET A 5 -3.19 -4.33 -13.73
C MET A 5 -4.56 -4.55 -13.15
N ILE A 6 -4.83 -3.97 -11.99
CA ILE A 6 -6.13 -4.11 -11.40
C ILE A 6 -6.81 -2.79 -11.13
N TYR A 7 -8.13 -2.82 -11.18
CA TYR A 7 -8.91 -1.66 -10.85
C TYR A 7 -10.13 -2.03 -10.03
N PRO A 8 -10.34 -1.34 -8.92
CA PRO A 8 -9.47 -0.37 -8.31
C PRO A 8 -8.58 -1.00 -7.27
N ILE A 9 -7.88 -0.20 -6.50
CA ILE A 9 -6.96 -0.75 -5.53
C ILE A 9 -7.36 -0.38 -4.11
N SER A 10 -8.51 0.24 -3.97
CA SER A 10 -9.13 0.41 -2.68
C SER A 10 -10.63 0.32 -2.82
N LYS A 11 -11.29 -0.30 -1.86
CA LYS A 11 -12.72 -0.51 -1.96
C LYS A 11 -13.39 -0.53 -0.61
N ASP A 12 -14.61 -0.03 -0.58
CA ASP A 12 -15.44 -0.07 0.60
C ASP A 12 -16.58 -1.03 0.38
N LEU A 13 -16.96 -1.76 1.40
CA LEU A 13 -18.05 -2.69 1.26
C LEU A 13 -19.06 -2.47 2.35
N LYS A 14 -20.26 -2.04 1.99
CA LYS A 14 -21.29 -1.86 3.00
C LYS A 14 -22.51 -2.72 2.75
N ASN A 15 -23.22 -3.01 3.83
CA ASN A 15 -24.55 -3.61 3.80
C ASN A 15 -24.64 -4.97 3.14
N GLY A 16 -23.52 -5.64 2.98
CA GLY A 16 -23.50 -6.97 2.43
C GLY A 16 -23.43 -7.03 0.91
N ASN A 17 -23.29 -5.88 0.28
CA ASN A 17 -23.23 -5.80 -1.16
C ASN A 17 -21.84 -6.05 -1.70
N SER A 18 -21.77 -6.75 -2.82
CA SER A 18 -20.52 -7.09 -3.41
C SER A 18 -20.00 -5.95 -4.22
N GLU A 19 -18.70 -5.93 -4.43
CA GLU A 19 -18.10 -5.06 -5.40
C GLU A 19 -17.11 -5.85 -6.22
N LEU A 20 -16.70 -5.30 -7.34
CA LEU A 20 -15.81 -6.00 -8.25
C LEU A 20 -14.45 -5.35 -8.36
N VAL A 21 -13.41 -6.17 -8.40
CA VAL A 21 -12.11 -5.71 -8.79
C VAL A 21 -11.81 -6.27 -10.15
N ARG A 22 -11.42 -5.43 -11.08
CA ARG A 22 -11.17 -5.91 -12.41
C ARG A 22 -9.70 -6.04 -12.67
N VAL A 23 -9.34 -7.10 -13.37
CA VAL A 23 -7.96 -7.42 -13.65
C VAL A 23 -7.70 -7.38 -15.13
N TYR A 24 -6.71 -6.60 -15.53
CA TYR A 24 -6.43 -6.44 -16.93
C TYR A 24 -5.03 -6.88 -17.27
N SER A 25 -4.91 -7.70 -18.29
CA SER A 25 -3.65 -8.20 -18.80
C SER A 25 -3.02 -7.22 -19.75
N LYS A 26 -1.70 -7.03 -19.61
CA LYS A 26 -0.94 -6.22 -20.55
C LYS A 26 -0.04 -7.13 -21.38
N SER A 27 -0.28 -8.44 -21.27
CA SER A 27 0.66 -9.44 -21.74
C SER A 27 0.22 -10.10 -23.02
N LYS A 28 1.17 -10.66 -23.73
CA LYS A 28 0.87 -11.36 -24.96
C LYS A 28 0.74 -12.83 -24.66
N GLU A 29 1.13 -13.19 -23.45
CA GLU A 29 1.06 -14.56 -23.01
C GLU A 29 0.02 -14.74 -21.96
N ILE A 30 -0.61 -15.90 -21.96
CA ILE A 30 -1.67 -16.19 -21.04
C ILE A 30 -1.16 -16.30 -19.62
N GLN A 31 -1.88 -15.69 -18.69
CA GLN A 31 -1.45 -15.64 -17.32
C GLN A 31 -2.38 -16.38 -16.40
N TYR A 32 -1.86 -16.72 -15.23
CA TYR A 32 -2.62 -17.43 -14.23
C TYR A 32 -2.55 -16.63 -12.97
N ILE A 33 -3.71 -16.27 -12.46
CA ILE A 33 -3.78 -15.34 -11.37
C ILE A 33 -4.46 -15.94 -10.18
N LYS A 34 -3.81 -15.89 -9.03
CA LYS A 34 -4.47 -16.31 -7.82
C LYS A 34 -4.64 -15.13 -6.91
N ILE A 35 -5.68 -15.20 -6.10
CA ILE A 35 -6.07 -14.09 -5.28
C ILE A 35 -6.22 -14.56 -3.86
N TYR A 36 -5.67 -13.81 -2.92
CA TYR A 36 -5.76 -14.18 -1.53
C TYR A 36 -5.86 -12.98 -0.63
N THR A 37 -6.52 -13.16 0.51
CA THR A 37 -6.78 -12.08 1.42
C THR A 37 -6.05 -12.19 2.74
N LYS A 38 -5.48 -11.09 3.17
CA LYS A 38 -4.91 -10.99 4.49
C LYS A 38 -5.71 -10.00 5.30
N LYS A 39 -5.85 -10.26 6.60
CA LYS A 39 -6.53 -9.31 7.45
C LYS A 39 -5.54 -8.38 8.08
N ILE A 40 -5.92 -7.13 8.24
CA ILE A 40 -5.04 -6.16 8.87
C ILE A 40 -5.41 -5.91 10.31
N ILE A 41 -4.45 -6.18 11.19
CA ILE A 41 -4.64 -6.11 12.62
C ILE A 41 -3.94 -4.90 13.20
N ASN A 42 -4.56 -4.30 14.21
CA ASN A 42 -4.12 -3.06 14.81
C ASN A 42 -3.74 -2.00 13.79
N PRO A 43 -4.63 -1.77 12.83
CA PRO A 43 -4.23 -0.91 11.74
C PRO A 43 -4.11 0.53 12.16
N GLY A 44 -3.33 1.29 11.41
CA GLY A 44 -3.13 2.69 11.70
C GLY A 44 -2.12 2.88 12.79
N THR A 45 -1.77 1.80 13.45
CA THR A 45 -0.85 1.86 14.56
C THR A 45 0.53 1.42 14.16
N THR A 46 1.43 1.46 15.12
CA THR A 46 2.79 0.99 14.93
C THR A 46 2.80 -0.47 15.20
N GLU A 47 1.62 -0.98 15.50
CA GLU A 47 1.44 -2.36 15.86
C GLU A 47 0.66 -3.06 14.78
N GLU A 48 0.74 -2.52 13.58
CA GLU A 48 -0.03 -3.02 12.46
C GLU A 48 0.68 -4.11 11.73
N TYR A 49 0.03 -5.25 11.59
CA TYR A 49 0.60 -6.34 10.86
C TYR A 49 -0.44 -7.09 10.07
N GLU A 50 0.02 -7.88 9.11
CA GLU A 50 -0.85 -8.64 8.23
C GLU A 50 -0.85 -10.10 8.56
N VAL A 51 -1.97 -10.76 8.30
CA VAL A 51 -1.98 -12.19 8.43
C VAL A 51 -3.06 -12.87 7.59
N ASP A 52 -2.68 -13.99 7.02
CA ASP A 52 -3.51 -14.77 6.16
C ASP A 52 -4.78 -15.25 6.85
N ILE A 53 -5.88 -15.15 6.13
CA ILE A 53 -7.15 -15.66 6.59
C ILE A 53 -7.77 -16.54 5.54
N PRO A 54 -8.74 -17.37 5.93
CA PRO A 54 -9.50 -18.21 5.01
C PRO A 54 -10.56 -17.44 4.23
N ASN A 55 -11.11 -18.05 3.21
CA ASN A 55 -11.88 -17.27 2.28
C ASN A 55 -13.34 -17.09 2.60
N TRP A 56 -13.90 -17.84 3.52
CA TRP A 56 -15.31 -17.60 3.74
C TRP A 56 -15.60 -17.20 5.16
N ASP A 57 -14.74 -17.59 6.08
CA ASP A 57 -14.95 -17.30 7.49
C ASP A 57 -14.24 -16.06 7.94
N GLY A 58 -13.10 -15.77 7.33
CA GLY A 58 -12.54 -14.44 7.44
C GLY A 58 -13.56 -13.58 6.74
N GLY A 59 -13.67 -12.34 7.15
CA GLY A 59 -14.80 -11.54 6.73
C GLY A 59 -15.04 -11.31 5.25
N LEU A 60 -14.16 -11.80 4.40
CA LEU A 60 -14.27 -11.49 2.99
C LEU A 60 -14.57 -12.71 2.15
N VAL A 61 -15.52 -12.56 1.24
CA VAL A 61 -15.83 -13.58 0.26
C VAL A 61 -15.30 -13.21 -1.10
N VAL A 62 -14.32 -13.95 -1.58
CA VAL A 62 -13.69 -13.64 -2.84
C VAL A 62 -13.96 -14.68 -3.90
N THR A 63 -14.75 -14.32 -4.89
CA THR A 63 -15.02 -15.23 -5.97
C THR A 63 -14.61 -14.61 -7.28
N PRO A 64 -13.71 -15.25 -8.01
CA PRO A 64 -13.00 -16.48 -7.69
C PRO A 64 -11.64 -16.20 -7.14
N GLN A 65 -10.86 -17.24 -6.90
CA GLN A 65 -9.55 -17.04 -6.36
C GLN A 65 -8.51 -17.53 -7.31
N LYS A 66 -8.96 -18.07 -8.43
CA LYS A 66 -8.03 -18.44 -9.46
C LYS A 66 -8.61 -18.19 -10.82
N VAL A 67 -7.92 -17.38 -11.59
CA VAL A 67 -8.36 -17.05 -12.92
C VAL A 67 -7.29 -17.29 -13.97
N ILE A 68 -7.69 -17.98 -15.02
CA ILE A 68 -6.90 -18.02 -16.22
C ILE A 68 -7.13 -16.73 -16.95
N LEU A 69 -6.08 -15.98 -17.19
CA LEU A 69 -6.25 -14.71 -17.85
C LEU A 69 -5.55 -14.71 -19.18
N PRO A 70 -6.29 -14.90 -20.25
CA PRO A 70 -5.74 -14.89 -21.59
C PRO A 70 -5.12 -13.55 -21.95
N ALA A 71 -4.30 -13.56 -22.98
CA ALA A 71 -3.59 -12.37 -23.38
C ALA A 71 -4.53 -11.26 -23.77
N GLY A 72 -4.43 -10.15 -23.06
CA GLY A 72 -5.21 -8.99 -23.36
C GLY A 72 -6.63 -9.10 -22.89
N ALA A 73 -6.92 -10.11 -22.10
CA ALA A 73 -8.26 -10.28 -21.63
C ALA A 73 -8.45 -9.54 -20.35
N SER A 74 -9.67 -9.54 -19.85
CA SER A 74 -9.94 -8.88 -18.60
C SER A 74 -10.96 -9.68 -17.82
N LYS A 75 -10.84 -9.65 -16.52
CA LYS A 75 -11.74 -10.42 -15.68
C LYS A 75 -12.20 -9.65 -14.49
N SER A 76 -13.31 -10.10 -13.92
CA SER A 76 -13.87 -9.49 -12.75
C SER A 76 -13.77 -10.40 -11.56
N ILE A 77 -13.35 -9.86 -10.44
CA ILE A 77 -13.34 -10.62 -9.23
C ILE A 77 -14.28 -10.00 -8.24
N ARG A 78 -15.17 -10.81 -7.71
CA ARG A 78 -16.17 -10.35 -6.80
C ARG A 78 -15.72 -10.36 -5.37
N LEU A 79 -15.99 -9.29 -4.66
CA LEU A 79 -15.65 -9.20 -3.26
C LEU A 79 -16.85 -8.83 -2.45
N THR A 80 -17.18 -9.62 -1.44
CA THR A 80 -18.27 -9.24 -0.58
C THR A 80 -18.01 -9.68 0.84
N GLN A 81 -18.65 -9.01 1.78
CA GLN A 81 -18.39 -9.32 3.16
C GLN A 81 -19.21 -10.50 3.59
N PHE A 82 -18.59 -11.31 4.43
CA PHE A 82 -19.24 -12.47 5.00
C PHE A 82 -20.26 -12.04 6.04
N LYS A 83 -19.79 -11.29 7.03
CA LYS A 83 -20.65 -10.64 7.98
C LYS A 83 -20.49 -9.15 7.87
N ILE A 84 -21.48 -8.42 8.35
CA ILE A 84 -21.34 -7.00 8.54
C ILE A 84 -20.87 -6.75 9.95
N PRO A 85 -19.66 -6.25 10.10
CA PRO A 85 -19.05 -6.16 11.41
C PRO A 85 -19.67 -5.09 12.26
N LYS A 86 -19.40 -5.15 13.55
CA LYS A 86 -19.91 -4.17 14.48
C LYS A 86 -19.10 -2.92 14.31
N LYS A 87 -17.85 -3.08 13.93
CA LYS A 87 -16.96 -1.97 13.68
C LYS A 87 -16.07 -2.28 12.49
N GLU A 88 -15.45 -1.25 11.95
CA GLU A 88 -14.67 -1.34 10.72
C GLU A 88 -13.49 -2.27 10.79
N GLU A 89 -13.45 -3.24 9.89
CA GLU A 89 -12.30 -4.09 9.71
C GLU A 89 -11.63 -3.77 8.38
N VAL A 90 -10.34 -4.02 8.27
CA VAL A 90 -9.64 -3.66 7.06
C VAL A 90 -8.78 -4.79 6.53
N TYR A 91 -8.81 -4.99 5.23
CA TYR A 91 -8.19 -6.14 4.63
C TYR A 91 -7.30 -5.72 3.49
N ARG A 92 -6.47 -6.65 3.04
CA ARG A 92 -5.71 -6.46 1.83
C ARG A 92 -5.91 -7.65 0.93
N VAL A 93 -6.23 -7.39 -0.32
CA VAL A 93 -6.44 -8.46 -1.27
C VAL A 93 -5.39 -8.46 -2.33
N TYR A 94 -4.64 -9.54 -2.38
CA TYR A 94 -3.46 -9.62 -3.22
C TYR A 94 -3.75 -10.24 -4.56
N PHE A 95 -3.16 -9.69 -5.60
CA PHE A 95 -3.32 -10.25 -6.91
C PHE A 95 -1.97 -10.64 -7.45
N GLU A 96 -1.80 -11.91 -7.74
CA GLU A 96 -0.48 -12.43 -8.04
C GLU A 96 -0.44 -13.38 -9.21
N ALA A 97 0.51 -13.13 -10.10
CA ALA A 97 0.78 -14.01 -11.22
C ALA A 97 1.44 -15.27 -10.74
N VAL A 98 0.76 -16.37 -10.90
CA VAL A 98 1.33 -17.64 -10.51
C VAL A 98 1.84 -18.31 -11.78
N LYS A 99 2.91 -19.04 -11.64
CA LYS A 99 3.61 -19.57 -12.79
C LYS A 99 3.53 -21.08 -12.85
N PRO A 100 2.45 -21.64 -13.38
CA PRO A 100 2.49 -23.08 -13.68
C PRO A 100 3.49 -23.21 -14.80
N ASP A 101 3.29 -22.31 -15.75
CA ASP A 101 4.21 -21.44 -16.42
C ASP A 101 3.26 -20.32 -16.86
N SER A 102 3.74 -19.10 -17.01
CA SER A 102 2.88 -18.05 -17.53
C SER A 102 3.18 -17.94 -19.01
N LYS A 103 2.71 -18.95 -19.75
CA LYS A 103 3.14 -19.22 -21.12
C LYS A 103 4.62 -18.94 -21.35
N THR A 113 24.94 -16.07 -15.69
CA THR A 113 24.52 -16.11 -14.29
C THR A 113 23.19 -16.80 -14.19
N ILE A 114 22.10 -16.03 -14.29
CA ILE A 114 20.75 -16.55 -14.08
C ILE A 114 19.59 -15.65 -14.38
N GLU A 115 18.41 -16.26 -14.41
CA GLU A 115 17.18 -15.51 -14.44
C GLU A 115 16.49 -15.37 -13.07
N LEU A 116 16.32 -14.12 -12.66
CA LEU A 116 15.61 -13.78 -11.45
C LEU A 116 14.37 -13.01 -11.86
N SER A 117 13.36 -13.75 -12.26
CA SER A 117 12.12 -13.18 -12.77
C SER A 117 11.47 -12.27 -11.76
N VAL A 118 10.91 -11.17 -12.26
CA VAL A 118 10.32 -10.18 -11.39
C VAL A 118 8.81 -10.29 -11.36
N ASN A 119 8.28 -10.58 -10.18
CA ASN A 119 6.85 -10.80 -10.01
C ASN A 119 6.20 -9.65 -9.30
N ILE A 120 5.60 -8.75 -10.05
CA ILE A 120 4.95 -7.61 -9.45
C ILE A 120 3.59 -8.00 -8.91
N ILE A 121 3.32 -7.58 -7.68
CA ILE A 121 2.08 -7.91 -7.03
C ILE A 121 1.33 -6.66 -6.58
N TYR A 122 0.03 -6.66 -6.82
CA TYR A 122 -0.82 -5.58 -6.39
C TYR A 122 -1.78 -6.09 -5.35
N ALA A 123 -1.96 -5.31 -4.30
CA ALA A 123 -2.90 -5.66 -3.27
C ALA A 123 -3.88 -4.54 -3.05
N ALA A 124 -5.13 -4.88 -2.87
CA ALA A 124 -6.14 -3.87 -2.73
C ALA A 124 -6.58 -3.74 -1.30
N LEU A 125 -6.71 -2.49 -0.86
CA LEU A 125 -7.15 -2.20 0.48
C LEU A 125 -8.65 -2.21 0.57
N ILE A 126 -9.18 -3.09 1.39
CA ILE A 126 -10.59 -3.29 1.46
C ILE A 126 -11.14 -2.94 2.81
N ARG A 127 -12.12 -2.07 2.86
CA ARG A 127 -12.76 -1.67 4.10
C ARG A 127 -14.08 -2.35 4.31
N SER A 128 -14.14 -3.22 5.29
CA SER A 128 -15.40 -3.85 5.65
C SER A 128 -16.11 -2.96 6.64
N LEU A 129 -17.19 -2.36 6.20
CA LEU A 129 -17.83 -1.32 6.95
C LEU A 129 -19.07 -1.77 7.68
N PRO A 130 -19.38 -1.10 8.78
CA PRO A 130 -20.55 -1.38 9.60
C PRO A 130 -21.81 -0.73 9.07
N SER A 131 -22.94 -1.14 9.64
CA SER A 131 -24.24 -0.74 9.12
C SER A 131 -24.50 0.74 9.27
N GLU A 132 -24.27 1.26 10.47
CA GLU A 132 -24.43 2.67 10.73
C GLU A 132 -23.10 3.32 11.08
N GLN A 133 -22.54 4.09 10.17
CA GLN A 133 -21.25 4.68 10.40
C GLN A 133 -21.37 5.77 11.43
N ASN A 134 -20.68 5.59 12.55
CA ASN A 134 -20.75 6.53 13.64
C ASN A 134 -19.37 6.98 14.06
N ILE A 135 -19.18 8.29 14.13
CA ILE A 135 -17.89 8.88 14.44
C ILE A 135 -17.89 9.59 15.78
N SER A 136 -17.06 9.10 16.70
CA SER A 136 -16.98 9.68 18.02
C SER A 136 -15.56 9.68 18.54
N LEU A 137 -15.08 10.87 18.89
CA LEU A 137 -13.71 11.04 19.31
C LEU A 137 -13.57 11.47 20.76
N ASN A 138 -12.57 10.90 21.42
CA ASN A 138 -12.26 11.23 22.79
C ASN A 138 -10.92 11.92 22.92
N ILE A 139 -10.83 12.76 23.94
CA ILE A 139 -9.61 13.47 24.23
C ILE A 139 -8.93 12.91 25.47
N SER A 140 -7.62 13.00 25.52
CA SER A 140 -6.87 12.42 26.61
C SER A 140 -5.44 12.92 26.67
N ARG A 141 -4.84 12.77 27.85
CA ARG A 141 -3.47 13.19 28.14
C ARG A 141 -2.63 11.99 28.56
N ASN A 142 -1.44 11.89 27.98
CA ASN A 142 -0.55 10.77 28.17
C ASN A 142 0.17 10.84 29.48
N ALA A 143 0.93 9.79 29.78
CA ALA A 143 2.07 9.90 30.64
C ALA A 143 3.01 10.71 29.76
N LYS A 144 3.61 11.74 30.34
CA LYS A 144 4.39 12.73 29.59
C LYS A 144 3.41 13.72 28.98
N LYS A 145 2.12 13.49 29.26
CA LYS A 145 1.07 14.45 29.03
C LYS A 145 0.96 14.95 27.62
N ASN A 146 1.44 14.17 26.66
CA ASN A 146 1.09 14.40 25.29
C ASN A 146 -0.41 14.27 25.16
N ILE A 147 -0.99 14.96 24.19
CA ILE A 147 -2.42 14.91 24.00
C ILE A 147 -2.81 13.69 23.17
N ILE A 148 -3.81 12.96 23.63
CA ILE A 148 -4.20 11.71 23.01
C ILE A 148 -5.62 11.73 22.46
N ILE A 149 -5.76 11.32 21.21
CA ILE A 149 -7.07 11.16 20.59
C ILE A 149 -7.47 9.71 20.54
N TYR A 150 -8.71 9.40 20.92
CA TYR A 150 -9.20 8.04 20.88
C TYR A 150 -10.41 7.91 19.98
N ASN A 151 -10.47 6.80 19.24
CA ASN A 151 -11.61 6.54 18.39
C ASN A 151 -12.65 5.68 19.07
N ASN A 152 -13.82 6.28 19.26
CA ASN A 152 -14.88 5.64 19.99
C ASN A 152 -15.98 5.16 19.07
N GLY A 153 -15.85 5.56 17.82
CA GLY A 153 -16.75 5.22 16.74
C GLY A 153 -16.49 3.88 16.10
N ASN A 154 -17.38 3.46 15.23
CA ASN A 154 -17.30 2.14 14.62
C ASN A 154 -16.63 2.17 13.27
N VAL A 155 -16.02 3.31 12.96
CA VAL A 155 -15.44 3.57 11.66
C VAL A 155 -14.17 4.36 11.86
N ARG A 156 -13.19 4.22 10.97
CA ARG A 156 -11.97 4.98 11.10
C ARG A 156 -12.22 6.47 10.96
N ALA A 157 -11.37 7.26 11.59
CA ALA A 157 -11.53 8.71 11.50
C ALA A 157 -10.34 9.34 10.80
N GLY A 158 -10.57 9.80 9.59
CA GLY A 158 -9.51 10.38 8.82
C GLY A 158 -9.20 11.78 9.27
N VAL A 159 -8.03 11.96 9.86
CA VAL A 159 -7.68 13.27 10.36
C VAL A 159 -6.74 13.98 9.41
N LYS A 160 -7.15 15.15 8.95
CA LYS A 160 -6.39 15.91 7.98
C LYS A 160 -5.49 16.89 8.70
N ASP A 161 -6.11 17.72 9.53
CA ASP A 161 -5.40 18.75 10.27
C ASP A 161 -5.99 18.88 11.66
N ILE A 162 -5.14 19.15 12.65
CA ILE A 162 -5.64 19.39 13.99
C ILE A 162 -5.28 20.78 14.49
N TYR A 163 -6.26 21.47 15.04
CA TYR A 163 -6.07 22.84 15.48
C TYR A 163 -5.95 22.91 16.99
N PHE A 164 -4.74 23.14 17.45
CA PHE A 164 -4.48 23.34 18.86
C PHE A 164 -4.67 24.80 19.18
N CYS A 165 -5.90 25.19 19.39
CA CYS A 165 -6.16 26.59 19.57
C CYS A 165 -5.75 27.00 20.95
N LYS A 166 -5.22 28.22 21.02
CA LYS A 166 -4.85 28.80 22.29
C LYS A 166 -6.14 29.21 23.00
N SER A 167 -6.97 29.95 22.29
CA SER A 167 -8.28 30.31 22.79
C SER A 167 -9.30 29.22 22.53
N SER A 168 -10.52 29.45 22.99
CA SER A 168 -11.61 28.54 22.70
C SER A 168 -11.93 28.55 21.23
N ASN A 169 -11.75 29.69 20.61
CA ASN A 169 -12.15 29.84 19.23
C ASN A 169 -10.96 29.91 18.29
N ILE A 170 -11.21 29.68 17.01
CA ILE A 170 -10.17 29.51 16.01
C ILE A 170 -9.58 30.81 15.50
N ASP A 171 -8.76 31.43 16.33
CA ASP A 171 -7.95 32.53 15.86
C ASP A 171 -6.85 31.96 14.98
N ASP A 172 -6.24 32.81 14.16
CA ASP A 172 -5.18 32.37 13.25
C ASP A 172 -3.84 32.31 13.94
N ASN A 173 -3.86 32.34 15.26
CA ASN A 173 -2.65 32.20 16.03
C ASN A 173 -2.43 30.75 16.40
N CYS A 174 -3.50 29.98 16.37
CA CYS A 174 -3.45 28.56 16.71
C CYS A 174 -2.51 27.80 15.81
N VAL A 175 -1.97 26.69 16.31
CA VAL A 175 -0.99 25.88 15.57
C VAL A 175 -1.57 24.78 14.70
N LYS A 176 -1.66 25.03 13.40
CA LYS A 176 -2.22 24.05 12.50
C LYS A 176 -1.14 23.02 12.25
N LYS A 177 -1.35 21.84 12.81
CA LYS A 177 -0.44 20.74 12.66
C LYS A 177 -1.11 19.70 11.78
N ALA A 178 -0.47 19.30 10.71
CA ALA A 178 -1.06 18.35 9.79
C ALA A 178 -0.65 16.94 10.14
N TYR A 179 -1.60 16.04 10.19
CA TYR A 179 -1.27 14.67 10.53
C TYR A 179 -1.63 13.72 9.40
N ASN A 180 -2.71 14.00 8.70
CA ASN A 180 -3.16 13.18 7.57
C ASN A 180 -3.33 11.70 7.89
N LYS A 181 -3.74 11.39 9.11
CA LYS A 181 -3.71 10.00 9.56
C LYS A 181 -5.08 9.44 9.87
N ASN A 182 -5.24 8.16 9.61
CA ASN A 182 -6.45 7.47 9.93
C ASN A 182 -6.38 6.82 11.29
N ILE A 183 -7.31 7.17 12.15
CA ILE A 183 -7.41 6.56 13.46
C ILE A 183 -8.54 5.56 13.46
N TYR A 184 -8.18 4.30 13.58
CA TYR A 184 -9.16 3.25 13.46
C TYR A 184 -9.85 3.04 14.79
N PRO A 185 -11.05 2.46 14.77
CA PRO A 185 -11.82 2.33 16.00
C PRO A 185 -11.12 1.55 17.11
N GLU A 186 -11.46 1.90 18.34
CA GLU A 186 -10.90 1.33 19.56
C GLU A 186 -9.44 1.65 19.73
N LYS A 187 -8.92 2.55 18.92
CA LYS A 187 -7.51 2.85 19.01
C LYS A 187 -7.28 4.32 19.31
N SER A 188 -6.06 4.63 19.69
CA SER A 188 -5.75 5.97 20.12
C SER A 188 -4.56 6.51 19.36
N PHE A 189 -4.39 7.81 19.39
CA PHE A 189 -3.41 8.47 18.54
C PHE A 189 -2.70 9.59 19.26
N ASP A 190 -1.38 9.64 19.12
CA ASP A 190 -0.59 10.63 19.82
C ASP A 190 -0.35 11.85 18.98
N THR A 191 -0.76 12.99 19.52
CA THR A 191 -0.59 14.25 18.83
C THR A 191 0.83 14.74 18.93
N LEU A 192 1.58 14.12 19.83
CA LEU A 192 2.92 14.56 20.15
C LEU A 192 2.90 16.02 20.56
N VAL A 193 1.92 16.35 21.39
CA VAL A 193 1.76 17.68 21.91
C VAL A 193 1.39 17.58 23.36
N ASN A 194 2.16 18.22 24.21
CA ASN A 194 1.95 18.16 25.64
C ASN A 194 1.64 19.52 26.17
N ASN A 195 1.79 20.50 25.31
CA ASN A 195 1.67 21.87 25.69
C ASN A 195 0.28 22.20 26.21
N ASN A 196 0.12 23.38 26.75
CA ASN A 196 -1.08 23.75 27.49
C ASN A 196 -2.13 24.44 26.66
N PHE A 197 -2.72 23.72 25.72
CA PHE A 197 -3.75 24.29 24.88
C PHE A 197 -5.09 24.14 25.52
N SER A 198 -6.00 25.05 25.26
CA SER A 198 -7.27 25.07 25.97
C SER A 198 -8.25 24.11 25.32
N TYR A 199 -8.45 24.28 24.02
CA TYR A 199 -9.39 23.49 23.24
C TYR A 199 -8.77 23.10 21.91
N VAL A 200 -9.28 22.02 21.32
CA VAL A 200 -8.72 21.51 20.09
C VAL A 200 -9.80 21.30 19.04
N PHE A 201 -9.42 21.44 17.79
CA PHE A 201 -10.34 21.33 16.68
C PHE A 201 -9.77 20.39 15.65
N ILE A 202 -10.62 19.51 15.13
CA ILE A 202 -10.15 18.46 14.24
C ILE A 202 -10.85 18.48 12.88
N LYS A 203 -10.07 18.33 11.82
CA LYS A 203 -10.57 18.40 10.45
C LYS A 203 -10.45 17.06 9.74
N LEU A 204 -11.57 16.59 9.20
CA LEU A 204 -11.61 15.31 8.51
C LEU A 204 -11.92 15.45 7.02
N ASN A 205 -11.92 14.34 6.29
CA ASN A 205 -11.89 14.40 4.84
C ASN A 205 -13.19 14.11 4.12
N HIS A 206 -13.42 14.81 3.02
CA HIS A 206 -14.63 14.64 2.23
C HIS A 206 -14.43 15.09 0.79
N GLU A 207 -15.24 14.58 -0.11
CA GLU A 207 -15.24 15.03 -1.50
C GLU A 207 -16.67 15.00 -2.01
N GLY A 208 -17.22 13.80 -2.12
CA GLY A 208 -18.54 13.58 -2.62
C GLY A 208 -19.44 12.86 -1.64
N ILE A 209 -20.60 13.43 -1.38
CA ILE A 209 -21.65 12.81 -0.58
C ILE A 209 -21.48 12.62 0.92
N GLU A 210 -20.51 11.82 1.38
CA GLU A 210 -20.49 11.49 2.81
C GLU A 210 -20.32 12.79 3.57
N LYS A 211 -21.14 12.98 4.59
CA LYS A 211 -21.43 14.32 5.08
C LYS A 211 -20.39 14.92 5.99
N GLU A 212 -19.80 16.03 5.55
CA GLU A 212 -18.86 16.80 6.36
C GLU A 212 -19.42 17.20 7.71
N GLN A 213 -18.60 17.11 8.73
CA GLN A 213 -18.92 17.65 10.03
C GLN A 213 -17.65 18.32 10.54
N GLY A 214 -17.74 19.12 11.59
CA GLY A 214 -16.55 19.67 12.22
C GLY A 214 -16.66 19.48 13.73
N LEU A 215 -15.54 19.28 14.41
CA LEU A 215 -15.66 19.01 15.84
C LEU A 215 -14.52 19.51 16.71
N ILE A 216 -14.90 19.91 17.93
CA ILE A 216 -13.99 20.49 18.89
C ILE A 216 -14.13 19.79 20.23
N GLN A 217 -13.01 19.54 20.88
CA GLN A 217 -13.00 18.83 22.14
C GLN A 217 -12.09 19.53 23.12
N LEU A 218 -12.55 19.68 24.36
CA LEU A 218 -11.76 20.36 25.36
C LEU A 218 -10.53 19.56 25.75
N LYS A 219 -9.41 20.25 25.91
CA LYS A 219 -8.22 19.66 26.48
C LYS A 219 -8.47 19.26 27.93
N VAL A 220 -7.72 18.27 28.39
CA VAL A 220 -7.68 17.98 29.80
C VAL A 220 -6.30 18.41 30.31
N PRO A 221 -6.23 18.92 31.54
CA PRO A 221 -5.02 19.52 32.09
C PRO A 221 -3.89 18.52 32.27
N ALA A 222 -2.67 19.03 32.43
CA ALA A 222 -1.47 18.21 32.42
C ALA A 222 -1.18 17.48 33.74
N MET B 1 -18.14 13.56 -14.22
CA MET B 1 -19.54 13.23 -14.46
C MET B 1 -20.15 12.45 -13.32
N VAL B 2 -21.15 11.64 -13.63
CA VAL B 2 -21.79 10.80 -12.63
C VAL B 2 -20.85 9.71 -12.17
N HIS B 3 -20.70 9.58 -10.85
CA HIS B 3 -19.76 8.65 -10.28
C HIS B 3 -20.01 7.23 -10.81
N HIS B 4 -18.96 6.43 -11.10
CA HIS B 4 -17.52 6.68 -10.92
C HIS B 4 -17.25 6.82 -9.43
N HIS B 5 -17.64 5.78 -8.71
CA HIS B 5 -17.53 5.74 -7.26
C HIS B 5 -16.11 5.72 -6.86
N HIS B 6 -15.42 4.65 -7.25
CA HIS B 6 -14.07 4.40 -6.79
C HIS B 6 -13.12 5.34 -7.50
N HIS B 7 -12.06 5.77 -6.81
CA HIS B 7 -11.12 6.66 -7.46
C HIS B 7 -9.63 6.30 -7.42
N HIS B 8 -9.25 5.09 -7.03
CA HIS B 8 -7.82 4.79 -6.81
C HIS B 8 -7.25 3.65 -7.63
N VAL B 9 -6.19 3.95 -8.36
CA VAL B 9 -5.52 3.00 -9.23
C VAL B 9 -4.02 3.07 -9.11
N ILE B 10 -3.35 1.98 -9.42
CA ILE B 10 -1.91 1.95 -9.49
C ILE B 10 -1.46 1.13 -10.68
N ASP B 11 -0.64 1.70 -11.54
CA ASP B 11 0.00 0.91 -12.56
C ASP B 11 1.43 1.33 -12.72
N LEU B 12 2.34 0.39 -12.55
CA LEU B 12 3.75 0.68 -12.63
C LEU B 12 4.29 0.35 -14.00
N LEU B 13 4.87 1.32 -14.67
CA LEU B 13 5.45 1.05 -15.97
C LEU B 13 6.84 1.64 -16.09
N GLN B 14 7.56 1.21 -17.11
CA GLN B 14 8.78 1.86 -17.49
C GLN B 14 8.43 3.28 -17.87
N ALA B 15 9.39 4.17 -17.77
CA ALA B 15 9.12 5.55 -18.07
C ALA B 15 9.01 5.74 -19.57
N ASP B 16 9.41 4.73 -20.30
CA ASP B 16 9.19 4.69 -21.74
C ASP B 16 7.70 4.75 -21.97
N GLY B 17 6.98 4.06 -21.09
CA GLY B 17 5.57 3.82 -21.28
C GLY B 17 5.46 2.35 -21.57
N ASN B 18 6.60 1.70 -21.61
CA ASN B 18 6.65 0.28 -21.88
C ASN B 18 6.63 -0.56 -20.63
N ALA B 19 6.56 -1.87 -20.82
CA ALA B 19 6.33 -2.77 -19.72
C ALA B 19 7.62 -3.20 -19.07
N LEU B 20 7.54 -3.65 -17.83
CA LEU B 20 8.67 -4.29 -17.20
C LEU B 20 8.73 -5.71 -17.70
N PRO B 21 9.88 -6.35 -17.59
CA PRO B 21 9.99 -7.73 -18.06
C PRO B 21 9.79 -8.72 -16.95
N SER B 22 9.51 -9.96 -17.31
CA SER B 22 9.43 -11.05 -16.36
C SER B 22 10.78 -11.28 -15.70
N ALA B 23 11.79 -11.63 -16.49
CA ALA B 23 13.11 -11.94 -15.98
C ALA B 23 14.14 -10.88 -16.30
N VAL B 24 15.16 -10.80 -15.47
CA VAL B 24 16.23 -9.84 -15.67
C VAL B 24 17.60 -10.39 -15.30
N LYS B 25 18.56 -10.25 -16.20
CA LYS B 25 19.94 -10.61 -15.93
C LYS B 25 20.89 -9.44 -15.89
N LEU B 26 21.61 -9.37 -14.78
CA LEU B 26 22.71 -8.45 -14.65
C LEU B 26 23.87 -9.03 -15.43
N ALA B 27 24.56 -8.20 -16.22
CA ALA B 27 25.78 -8.69 -16.86
C ALA B 27 26.79 -9.07 -15.78
N TYR B 28 27.35 -10.26 -15.88
CA TYR B 28 28.36 -10.71 -14.91
C TYR B 28 29.75 -10.24 -15.31
N SER B 29 30.27 -9.23 -14.61
CA SER B 29 31.61 -8.71 -14.93
C SER B 29 32.39 -8.20 -13.70
N PRO B 30 33.78 -8.43 -13.73
CA PRO B 30 34.48 -7.89 -12.54
C PRO B 30 34.48 -6.37 -12.41
N ALA B 31 34.84 -5.63 -13.46
CA ALA B 31 34.77 -4.18 -13.40
C ALA B 31 35.52 -3.58 -12.19
N SER B 32 36.73 -4.06 -11.93
CA SER B 32 37.52 -3.60 -10.79
C SER B 32 36.85 -3.90 -9.44
N LYS B 33 36.17 -5.04 -9.38
CA LYS B 33 35.55 -5.56 -8.16
C LYS B 33 34.13 -5.04 -7.94
N THR B 34 33.32 -5.00 -9.01
CA THR B 34 31.97 -4.48 -8.89
C THR B 34 30.94 -5.27 -9.67
N PHE B 35 29.67 -4.99 -9.38
CA PHE B 35 28.56 -5.63 -10.08
C PHE B 35 27.56 -4.56 -10.49
N GLU B 36 27.34 -4.49 -11.79
CA GLU B 36 26.55 -3.47 -12.46
C GLU B 36 25.08 -3.54 -12.07
N SER B 37 24.37 -2.43 -12.17
CA SER B 37 23.03 -2.29 -11.61
C SER B 37 21.97 -2.24 -12.70
N TYR B 38 20.90 -3.03 -12.58
CA TYR B 38 19.86 -3.05 -13.60
C TYR B 38 19.01 -1.85 -13.34
N ARG B 39 19.52 -0.67 -13.63
CA ARG B 39 18.69 0.49 -13.48
C ARG B 39 17.53 0.39 -14.46
N VAL B 40 16.38 0.90 -14.03
CA VAL B 40 15.28 1.20 -14.93
C VAL B 40 14.49 2.32 -14.35
N MET B 41 14.28 3.37 -15.13
CA MET B 41 13.43 4.45 -14.68
C MET B 41 12.02 3.92 -14.66
N THR B 42 11.13 4.61 -13.96
CA THR B 42 9.76 4.14 -13.84
C THR B 42 8.72 5.19 -14.12
N GLN B 43 7.53 4.71 -14.44
CA GLN B 43 6.33 5.51 -14.38
C GLN B 43 5.48 4.87 -13.32
N VAL B 44 4.67 5.66 -12.65
CA VAL B 44 3.62 5.10 -11.84
C VAL B 44 2.33 5.77 -12.21
N HIS B 45 1.43 5.01 -12.79
CA HIS B 45 0.18 5.58 -13.27
C HIS B 45 -0.94 5.46 -12.26
N THR B 46 -1.42 6.61 -11.80
CA THR B 46 -2.35 6.69 -10.68
C THR B 46 -3.25 7.89 -10.78
N ASN B 47 -4.46 7.79 -10.29
CA ASN B 47 -5.31 8.96 -10.12
C ASN B 47 -4.81 9.86 -9.00
N ALA B 48 -5.15 11.13 -9.09
CA ALA B 48 -4.87 12.08 -8.03
C ALA B 48 -5.30 11.56 -6.67
N ASP B 49 -4.55 11.95 -5.65
CA ASP B 49 -4.58 11.40 -4.29
C ASP B 49 -3.80 10.11 -4.27
N ALA B 50 -3.16 9.81 -5.38
CA ALA B 50 -2.26 8.68 -5.49
C ALA B 50 -1.28 8.61 -4.33
N LYS B 51 -0.76 9.77 -3.98
CA LYS B 51 0.54 9.86 -3.35
C LYS B 51 0.83 8.87 -2.23
N LYS B 52 -0.18 8.42 -1.51
CA LYS B 52 0.05 7.53 -0.38
C LYS B 52 0.15 6.09 -0.85
N VAL B 53 1.21 5.80 -1.59
CA VAL B 53 1.42 4.47 -2.10
C VAL B 53 2.54 3.82 -1.35
N ILE B 54 2.35 2.60 -0.87
CA ILE B 54 3.41 1.95 -0.12
C ILE B 54 3.95 0.76 -0.87
N VAL B 55 5.22 0.48 -0.61
CA VAL B 55 5.93 -0.55 -1.34
C VAL B 55 6.77 -1.40 -0.42
N LYS B 56 6.43 -2.68 -0.37
CA LYS B 56 7.15 -3.65 0.45
C LYS B 56 7.14 -4.93 -0.36
N LEU B 57 8.10 -5.83 -0.13
CA LEU B 57 8.11 -7.01 -0.95
C LEU B 57 7.79 -8.22 -0.12
N ALA B 58 7.47 -9.30 -0.82
CA ALA B 58 6.81 -10.43 -0.22
C ALA B 58 7.74 -11.15 0.71
N ASP B 59 8.96 -11.36 0.24
CA ASP B 59 10.00 -11.92 1.06
C ASP B 59 11.33 -11.39 0.59
N THR B 60 12.31 -11.42 1.47
CA THR B 60 13.65 -11.04 1.09
C THR B 60 14.11 -11.98 0.00
N PRO B 61 14.39 -11.42 -1.17
CA PRO B 61 14.64 -12.14 -2.41
C PRO B 61 15.96 -12.87 -2.37
N GLN B 62 16.04 -13.99 -3.07
CA GLN B 62 17.23 -14.80 -2.99
C GLN B 62 17.67 -15.26 -4.35
N ALA B 63 18.98 -15.41 -4.53
CA ALA B 63 19.42 -16.17 -5.66
C ALA B 63 19.19 -17.57 -5.20
N THR B 64 18.36 -18.30 -5.94
CA THR B 64 17.86 -19.55 -5.43
C THR B 64 18.50 -20.71 -6.14
N ASP B 65 19.05 -21.65 -5.38
CA ASP B 65 19.68 -22.80 -5.97
C ASP B 65 19.32 -24.06 -5.22
N VAL B 66 18.57 -24.92 -5.91
CA VAL B 66 18.11 -26.20 -5.36
C VAL B 66 19.27 -27.05 -4.90
N LEU B 67 20.08 -27.48 -5.87
CA LEU B 67 21.12 -28.46 -5.61
C LEU B 67 22.12 -27.91 -4.64
N ASN B 68 22.50 -26.66 -4.82
CA ASN B 68 23.28 -25.97 -3.81
C ASN B 68 22.50 -24.76 -3.31
N SER B 69 22.10 -24.82 -2.04
CA SER B 69 21.53 -23.68 -1.36
C SER B 69 22.60 -23.17 -0.43
N THR B 70 23.78 -23.78 -0.54
CA THR B 70 24.84 -23.54 0.42
C THR B 70 25.05 -22.06 0.67
N VAL B 71 25.37 -21.32 -0.38
CA VAL B 71 25.69 -19.91 -0.22
C VAL B 71 24.69 -19.03 -0.95
N GLN B 72 24.23 -17.99 -0.27
CA GLN B 72 23.29 -17.03 -0.84
C GLN B 72 23.97 -15.69 -1.05
N MET B 73 23.68 -15.07 -2.18
CA MET B 73 24.26 -13.77 -2.46
C MET B 73 23.20 -12.70 -2.49
N PRO B 74 23.31 -11.73 -1.57
CA PRO B 74 22.38 -10.65 -1.29
C PRO B 74 21.97 -9.81 -2.50
N ILE B 75 20.80 -9.18 -2.38
CA ILE B 75 20.24 -8.33 -3.42
C ILE B 75 19.64 -7.09 -2.82
N SER B 76 20.09 -5.92 -3.26
CA SER B 76 19.53 -4.69 -2.72
C SER B 76 18.83 -3.87 -3.79
N VAL B 77 17.64 -3.40 -3.45
CA VAL B 77 16.68 -2.87 -4.39
C VAL B 77 16.25 -1.46 -4.04
N SER B 78 16.63 -0.49 -4.86
CA SER B 78 16.37 0.87 -4.50
C SER B 78 15.24 1.49 -5.31
N TRP B 79 14.35 2.18 -4.64
CA TRP B 79 13.29 2.89 -5.30
C TRP B 79 13.16 4.24 -4.63
N GLY B 80 13.15 5.30 -5.41
CA GLY B 80 13.02 6.63 -4.85
C GLY B 80 14.12 6.97 -3.86
N GLY B 81 15.32 6.47 -4.12
CA GLY B 81 16.47 6.76 -3.30
C GLY B 81 16.47 6.01 -1.98
N GLN B 82 15.52 5.09 -1.82
CA GLN B 82 15.43 4.31 -0.61
C GLN B 82 15.55 2.83 -0.92
N VAL B 83 16.17 2.10 -0.02
CA VAL B 83 16.25 0.66 -0.16
C VAL B 83 14.86 0.12 -0.05
N LEU B 84 14.65 -1.11 -0.50
CA LEU B 84 13.34 -1.72 -0.37
C LEU B 84 13.41 -2.92 0.53
N SER B 85 12.74 -2.83 1.67
CA SER B 85 12.77 -3.86 2.68
C SER B 85 11.47 -4.61 2.69
N THR B 86 11.48 -5.79 3.29
CA THR B 86 10.26 -6.57 3.45
C THR B 86 9.34 -5.80 4.36
N THR B 87 9.89 -4.76 4.96
CA THR B 87 9.13 -3.83 5.75
C THR B 87 8.57 -2.80 4.83
N ALA B 88 7.27 -2.58 4.93
CA ALA B 88 6.58 -1.62 4.11
C ALA B 88 7.23 -0.27 4.19
N LYS B 89 7.50 0.31 3.04
CA LYS B 89 8.05 1.64 3.00
C LYS B 89 7.02 2.61 2.51
N GLU B 90 6.55 3.44 3.41
CA GLU B 90 5.63 4.49 3.04
C GLU B 90 6.26 5.40 2.00
N PHE B 91 5.58 5.60 0.89
CA PHE B 91 6.03 6.58 -0.08
C PHE B 91 5.05 7.71 -0.16
N GLU B 92 5.54 8.87 -0.55
CA GLU B 92 4.66 9.91 -1.02
C GLU B 92 4.61 9.63 -2.51
N ALA B 93 3.88 10.43 -3.28
CA ALA B 93 3.71 10.22 -4.72
C ALA B 93 4.98 9.80 -5.42
N ALA B 94 6.08 10.46 -5.05
CA ALA B 94 7.39 10.15 -5.60
C ALA B 94 7.37 10.24 -7.12
N ALA B 95 6.54 11.14 -7.67
CA ALA B 95 6.45 11.28 -9.11
C ALA B 95 7.30 12.43 -9.64
N LEU B 96 7.17 13.59 -8.99
CA LEU B 96 7.98 14.74 -9.32
C LEU B 96 7.93 15.10 -10.80
N GLY B 97 6.75 15.06 -11.41
CA GLY B 97 5.51 14.72 -10.75
C GLY B 97 4.26 15.52 -11.02
N TYR B 98 3.81 16.27 -10.01
CA TYR B 98 2.44 16.76 -9.98
C TYR B 98 2.07 17.52 -11.25
N SER B 99 1.02 17.03 -11.88
CA SER B 99 0.40 17.66 -13.03
C SER B 99 -1.03 17.23 -12.89
N ALA B 100 -1.92 17.73 -13.74
CA ALA B 100 -3.29 17.28 -13.65
C ALA B 100 -3.80 16.83 -15.00
N SER B 101 -4.58 15.76 -15.00
CA SER B 101 -5.23 15.29 -16.21
C SER B 101 -6.55 14.62 -15.85
N GLY B 102 -7.66 15.28 -16.13
CA GLY B 102 -8.96 14.72 -15.83
C GLY B 102 -9.21 13.51 -16.72
N VAL B 103 -8.37 13.34 -17.73
CA VAL B 103 -8.38 12.14 -18.55
C VAL B 103 -7.30 11.18 -18.11
N ASN B 104 -6.34 11.65 -17.33
CA ASN B 104 -5.16 10.83 -17.05
C ASN B 104 -4.56 10.94 -15.65
N GLY B 105 -3.94 9.85 -15.21
CA GLY B 105 -3.15 9.84 -14.00
C GLY B 105 -1.69 10.08 -14.28
N VAL B 106 -1.11 11.13 -13.69
CA VAL B 106 0.17 11.61 -14.15
C VAL B 106 1.35 10.94 -13.47
N SER B 107 2.41 10.79 -14.24
CA SER B 107 3.46 9.83 -13.94
C SER B 107 4.29 10.16 -12.73
N SER B 108 5.21 9.25 -12.45
CA SER B 108 6.14 9.33 -11.34
C SER B 108 7.50 8.89 -11.79
N SER B 109 8.25 9.83 -12.35
CA SER B 109 9.39 9.54 -13.22
C SER B 109 10.71 9.37 -12.51
N GLN B 110 10.94 8.20 -11.90
CA GLN B 110 12.26 7.90 -11.38
C GLN B 110 12.59 6.43 -11.35
N GLU B 111 13.80 6.15 -10.92
CA GLU B 111 14.47 4.89 -11.20
C GLU B 111 14.37 3.88 -10.11
N LEU B 112 14.15 2.63 -10.50
CA LEU B 112 14.35 1.53 -9.60
C LEU B 112 15.70 0.97 -9.86
N VAL B 113 16.51 0.91 -8.82
CA VAL B 113 17.84 0.37 -8.97
C VAL B 113 17.96 -0.91 -8.22
N ILE B 114 17.78 -2.02 -8.91
CA ILE B 114 18.04 -3.28 -8.30
C ILE B 114 19.53 -3.50 -8.36
N SER B 115 20.17 -3.51 -7.20
CA SER B 115 21.62 -3.63 -7.13
C SER B 115 22.01 -4.78 -6.22
N ALA B 116 22.11 -5.98 -6.79
CA ALA B 116 22.43 -7.18 -6.02
C ALA B 116 23.73 -7.03 -5.21
N ALA B 117 23.74 -7.60 -4.01
CA ALA B 117 24.78 -7.29 -3.03
C ALA B 117 25.59 -8.54 -2.60
N PRO B 118 26.68 -8.32 -1.86
CA PRO B 118 27.41 -9.47 -1.30
C PRO B 118 27.16 -9.62 0.20
N LYS B 119 27.42 -10.80 0.76
CA LYS B 119 27.19 -11.00 2.19
C LYS B 119 28.16 -10.19 3.03
N THR B 120 29.42 -10.17 2.65
CA THR B 120 30.36 -9.25 3.27
C THR B 120 30.81 -8.22 2.23
N ALA B 121 31.16 -7.03 2.67
CA ALA B 121 31.56 -5.97 1.76
C ALA B 121 32.92 -6.26 1.12
N GLY B 122 33.12 -5.76 -0.10
CA GLY B 122 34.35 -5.93 -0.84
C GLY B 122 34.73 -7.39 -1.02
N THR B 123 33.86 -8.13 -1.70
CA THR B 123 33.88 -9.59 -1.64
C THR B 123 34.21 -10.32 -2.94
N ALA B 124 35.08 -11.32 -2.82
CA ALA B 124 35.39 -12.20 -3.93
C ALA B 124 34.26 -13.20 -4.14
N PRO B 125 33.76 -13.31 -5.38
CA PRO B 125 32.55 -14.08 -5.70
C PRO B 125 32.72 -15.59 -5.76
N THR B 126 31.67 -16.28 -5.33
CA THR B 126 31.57 -17.73 -5.37
C THR B 126 31.16 -18.20 -6.76
N ALA B 127 31.13 -19.51 -7.01
CA ALA B 127 30.68 -19.99 -8.32
C ALA B 127 29.44 -20.87 -8.23
N GLY B 128 28.50 -20.64 -9.13
CA GLY B 128 27.24 -21.39 -9.12
C GLY B 128 26.17 -20.85 -10.05
N ASN B 129 24.94 -21.30 -9.86
CA ASN B 129 23.86 -20.91 -10.77
C ASN B 129 23.17 -19.63 -10.39
N TYR B 130 22.75 -19.60 -9.14
CA TYR B 130 21.98 -18.51 -8.52
C TYR B 130 20.61 -18.19 -9.09
N SER B 131 19.71 -19.14 -9.26
CA SER B 131 18.40 -18.80 -9.88
C SER B 131 17.48 -18.00 -8.97
N GLY B 132 16.24 -17.76 -9.37
CA GLY B 132 15.41 -17.04 -8.43
C GLY B 132 14.27 -16.18 -8.95
N VAL B 133 13.70 -15.46 -7.98
CA VAL B 133 12.63 -14.50 -8.21
C VAL B 133 12.64 -13.33 -7.22
N VAL B 134 12.01 -12.24 -7.64
CA VAL B 134 11.77 -11.10 -6.76
C VAL B 134 10.33 -10.65 -6.85
N SER B 135 9.59 -10.89 -5.78
CA SER B 135 8.23 -10.39 -5.70
C SER B 135 8.26 -8.97 -5.26
N LEU B 136 7.38 -8.17 -5.83
CA LEU B 136 7.34 -6.78 -5.52
C LEU B 136 5.90 -6.44 -5.28
N VAL B 137 5.63 -5.62 -4.29
CA VAL B 137 4.26 -5.42 -3.86
C VAL B 137 3.90 -3.96 -3.78
N MET B 138 2.85 -3.60 -4.49
CA MET B 138 2.34 -2.26 -4.43
C MET B 138 0.99 -2.23 -3.76
N THR B 139 0.77 -1.24 -2.91
CA THR B 139 -0.48 -1.14 -2.19
C THR B 139 -0.73 0.25 -1.77
N LEU B 140 -1.77 0.42 -0.98
CA LEU B 140 -1.98 1.65 -0.28
C LEU B 140 -1.86 1.37 1.19
N GLY B 141 -1.86 2.44 1.96
CA GLY B 141 -1.72 2.31 3.39
C GLY B 141 -3.03 2.53 4.09
N SER B 142 -3.07 2.16 5.35
CA SER B 142 -4.25 2.35 6.15
C SER B 142 -4.39 3.78 6.63
#